data_1RJB
#
_entry.id   1RJB
#
_cell.length_a   80.651
_cell.length_b   80.651
_cell.length_c   150.120
_cell.angle_alpha   90.00
_cell.angle_beta   90.00
_cell.angle_gamma   90.00
#
_symmetry.space_group_name_H-M   'P 43 21 2'
#
loop_
_entity.id
_entity.type
_entity.pdbx_description
1 polymer 'FL cytokine receptor'
2 water water
#
_entity_poly.entity_id   1
_entity_poly.type   'polypeptide(L)'
_entity_poly.pdbx_seq_one_letter_code
;HKYKKQFRYESQLQMVQVTGSSDNEYFYVDFREYEYDLKWEFPRENLEFGKVLGSGAFGKVMNATAYGISKTGVSIQVAV
KMLKEKADSSEREALMSELKMMTQLGSHENIVNLLGACTLSGPIYLIFEYCCYGDLLNYLRSKREKFSEDEIEYENQKRL
EEEEDLNVLTFEDLLCFAYQVAKGMEFLEFKSCVHRDLAARNVLVTHGKVVKICDFGLARDIMSDSNYVVRGNARLPVKW
MAPESLFEGIYTIKSDVWSYGILLWEIFSLGVNPYPGIPVDANFYKLIQNGFKMDQPFYATEEIYIIMQSCWAFDSRKRP
SFPNLTSFLGCQLADAEEAMYQNV
;
_entity_poly.pdbx_strand_id   A
#
# COMPACT_ATOMS: atom_id res chain seq x y z
N TYR A 9 1.05 8.96 -13.94
CA TYR A 9 1.51 8.51 -12.64
C TYR A 9 0.61 9.16 -11.60
N GLU A 10 0.33 8.42 -10.54
CA GLU A 10 -0.48 8.92 -9.45
C GLU A 10 -0.33 7.97 -8.27
N SER A 11 -0.13 8.50 -7.06
CA SER A 11 -0.03 7.59 -5.92
C SER A 11 -1.46 7.11 -5.66
N GLN A 12 -1.57 5.86 -5.26
CA GLN A 12 -2.88 5.30 -4.95
C GLN A 12 -3.21 5.57 -3.50
N LEU A 13 -2.26 6.16 -2.77
CA LEU A 13 -2.50 6.53 -1.38
C LEU A 13 -3.09 7.95 -1.52
N GLN A 14 -4.32 8.13 -1.09
CA GLN A 14 -4.99 9.42 -1.27
C GLN A 14 -5.83 9.88 -0.10
N MET A 15 -5.87 11.20 0.09
CA MET A 15 -6.71 11.74 1.15
C MET A 15 -8.09 11.98 0.52
N VAL A 16 -9.14 11.72 1.30
CA VAL A 16 -10.51 11.96 0.84
C VAL A 16 -11.26 12.79 1.89
N GLN A 17 -12.39 13.34 1.48
CA GLN A 17 -13.25 14.12 2.39
C GLN A 17 -14.66 13.65 2.18
N VAL A 18 -15.22 13.05 3.22
CA VAL A 18 -16.57 12.51 3.17
C VAL A 18 -17.61 13.64 3.19
N THR A 19 -18.60 13.53 2.31
CA THR A 19 -19.65 14.51 2.14
C THR A 19 -21.04 14.06 2.59
N GLY A 20 -21.22 12.76 2.74
CA GLY A 20 -22.52 12.25 3.16
C GLY A 20 -22.33 10.94 3.87
N SER A 21 -23.44 10.29 4.21
CA SER A 21 -23.40 9.01 4.91
C SER A 21 -23.29 7.85 3.92
N SER A 22 -23.59 8.12 2.66
CA SER A 22 -23.52 7.10 1.63
C SER A 22 -22.08 6.90 1.14
N ASP A 23 -21.72 5.65 0.87
CA ASP A 23 -20.38 5.30 0.43
C ASP A 23 -19.79 6.18 -0.67
N ASN A 24 -20.61 6.56 -1.65
CA ASN A 24 -20.09 7.36 -2.75
C ASN A 24 -20.04 8.87 -2.51
N GLU A 25 -20.43 9.30 -1.32
CA GLU A 25 -20.43 10.73 -1.00
C GLU A 25 -19.11 11.17 -0.38
N TYR A 26 -18.14 11.42 -1.25
CA TYR A 26 -16.83 11.86 -0.80
C TYR A 26 -16.13 12.31 -2.07
N PHE A 27 -15.04 13.04 -1.91
CA PHE A 27 -14.26 13.46 -3.06
C PHE A 27 -12.80 13.34 -2.68
N TYR A 28 -11.92 13.26 -3.67
CA TYR A 28 -10.50 13.15 -3.38
C TYR A 28 -9.90 14.53 -3.16
N VAL A 29 -9.06 14.64 -2.14
CA VAL A 29 -8.39 15.90 -1.88
C VAL A 29 -7.22 16.00 -2.87
N ASP A 30 -7.21 17.07 -3.66
CA ASP A 30 -6.15 17.30 -4.63
C ASP A 30 -5.27 18.45 -4.06
N PHE A 31 -3.99 18.16 -3.84
CA PHE A 31 -3.09 19.16 -3.25
C PHE A 31 -2.47 20.09 -4.26
N ARG A 32 -2.88 20.00 -5.52
CA ARG A 32 -2.26 20.84 -6.54
C ARG A 32 -2.29 22.33 -6.17
N GLU A 33 -3.41 22.82 -5.64
CA GLU A 33 -3.50 24.24 -5.28
C GLU A 33 -2.87 24.57 -3.91
N TYR A 34 -2.45 23.56 -3.15
CA TYR A 34 -1.84 23.84 -1.83
C TYR A 34 -0.36 24.22 -1.98
N GLU A 35 0.25 24.78 -0.93
CA GLU A 35 1.66 25.17 -1.05
C GLU A 35 2.55 24.15 -0.34
N TYR A 36 3.74 23.94 -0.88
CA TYR A 36 4.69 22.99 -0.31
C TYR A 36 5.51 23.68 0.80
N ASP A 37 5.59 23.02 1.96
CA ASP A 37 6.32 23.57 3.10
C ASP A 37 7.83 23.31 2.92
N LEU A 38 8.59 24.38 2.70
CA LEU A 38 10.02 24.28 2.45
C LEU A 38 10.89 23.73 3.57
N LYS A 39 10.31 23.46 4.72
CA LYS A 39 11.12 22.92 5.80
C LYS A 39 11.52 21.49 5.43
N TRP A 40 10.86 20.92 4.43
CA TRP A 40 11.17 19.54 3.99
C TRP A 40 12.30 19.45 2.96
N GLU A 41 12.67 20.61 2.38
CA GLU A 41 13.68 20.68 1.34
C GLU A 41 15.05 20.19 1.86
N PHE A 42 15.65 19.27 1.12
CA PHE A 42 16.94 18.65 1.48
C PHE A 42 17.95 18.95 0.39
N PRO A 43 19.24 19.08 0.75
CA PRO A 43 20.27 19.36 -0.27
C PRO A 43 20.47 18.12 -1.14
N ARG A 44 20.30 18.22 -2.45
CA ARG A 44 20.46 17.01 -3.25
C ARG A 44 21.90 16.47 -3.23
N GLU A 45 22.86 17.31 -2.84
CA GLU A 45 24.25 16.85 -2.78
C GLU A 45 24.47 15.93 -1.56
N ASN A 46 23.57 15.97 -0.59
CA ASN A 46 23.72 15.09 0.58
C ASN A 46 23.16 13.70 0.33
N LEU A 47 22.83 13.42 -0.92
CA LEU A 47 22.29 12.12 -1.32
C LEU A 47 23.35 11.34 -2.10
N GLU A 48 23.68 10.14 -1.62
CA GLU A 48 24.64 9.31 -2.34
C GLU A 48 23.82 8.17 -2.95
N PHE A 49 23.56 8.25 -4.25
CA PHE A 49 22.75 7.23 -4.90
C PHE A 49 23.39 5.86 -5.00
N GLY A 50 22.60 4.84 -4.71
CA GLY A 50 23.05 3.47 -4.76
C GLY A 50 22.32 2.72 -5.87
N LYS A 51 21.82 1.53 -5.55
CA LYS A 51 21.11 0.70 -6.53
C LYS A 51 19.65 1.07 -6.74
N VAL A 52 19.13 0.70 -7.92
CA VAL A 52 17.74 0.93 -8.27
C VAL A 52 16.94 -0.10 -7.49
N LEU A 53 15.85 0.32 -6.83
CA LEU A 53 15.03 -0.60 -6.07
C LEU A 53 13.92 -1.19 -6.93
N GLY A 54 13.58 -0.49 -8.00
CA GLY A 54 12.54 -0.95 -8.88
C GLY A 54 12.29 0.17 -9.86
N SER A 55 11.86 -0.17 -11.06
CA SER A 55 11.62 0.84 -12.06
C SER A 55 10.33 0.58 -12.81
N GLY A 56 9.83 1.59 -13.52
CA GLY A 56 8.59 1.43 -14.24
C GLY A 56 8.48 2.40 -15.40
N ALA A 57 7.27 2.55 -15.91
CA ALA A 57 7.03 3.44 -17.04
C ALA A 57 7.15 4.93 -16.74
N PHE A 58 6.92 5.32 -15.51
CA PHE A 58 6.94 6.73 -15.15
C PHE A 58 8.19 7.23 -14.46
N GLY A 59 8.95 6.32 -13.88
CA GLY A 59 10.15 6.74 -13.18
C GLY A 59 10.68 5.57 -12.41
N LYS A 60 11.26 5.84 -11.25
CA LYS A 60 11.83 4.77 -10.45
C LYS A 60 12.08 5.18 -9.02
N VAL A 61 12.42 4.19 -8.20
CA VAL A 61 12.74 4.41 -6.80
C VAL A 61 14.18 3.90 -6.65
N MET A 62 15.05 4.78 -6.17
CA MET A 62 16.47 4.49 -5.99
C MET A 62 16.87 4.39 -4.54
N ASN A 63 17.86 3.55 -4.25
CA ASN A 63 18.35 3.50 -2.89
C ASN A 63 19.40 4.61 -2.87
N ALA A 64 19.74 5.07 -1.67
CA ALA A 64 20.77 6.07 -1.53
C ALA A 64 21.08 6.24 -0.06
N THR A 65 22.18 6.92 0.21
CA THR A 65 22.57 7.21 1.57
C THR A 65 22.32 8.72 1.67
N ALA A 66 21.75 9.14 2.79
CA ALA A 66 21.49 10.56 2.96
C ALA A 66 22.28 11.09 4.15
N TYR A 67 23.05 12.14 3.90
CA TYR A 67 23.85 12.74 4.95
C TYR A 67 23.06 13.72 5.81
N GLY A 68 22.86 13.37 7.08
CA GLY A 68 22.18 14.25 8.00
C GLY A 68 20.70 14.51 7.85
N ILE A 69 19.98 13.64 7.17
CA ILE A 69 18.55 13.84 7.00
C ILE A 69 17.86 13.51 8.31
N SER A 70 18.44 12.57 9.04
CA SER A 70 17.92 12.09 10.31
C SER A 70 18.26 13.03 11.47
N LYS A 71 17.39 13.06 12.47
CA LYS A 71 17.57 13.92 13.64
C LYS A 71 19.03 14.14 14.07
N THR A 72 19.88 13.17 13.78
CA THR A 72 21.30 13.26 14.12
C THR A 72 22.17 13.57 12.91
N GLY A 73 23.41 14.00 13.19
CA GLY A 73 24.34 14.32 12.12
C GLY A 73 24.93 13.05 11.53
N VAL A 74 24.10 12.02 11.45
CA VAL A 74 24.50 10.72 10.92
C VAL A 74 23.97 10.52 9.49
N SER A 75 24.51 9.55 8.78
CA SER A 75 24.04 9.26 7.44
C SER A 75 23.20 7.98 7.50
N ILE A 76 22.11 7.94 6.75
CA ILE A 76 21.24 6.78 6.74
C ILE A 76 20.80 6.39 5.35
N GLN A 77 20.23 5.21 5.24
CA GLN A 77 19.73 4.69 3.98
C GLN A 77 18.33 5.24 3.75
N VAL A 78 18.03 5.59 2.50
CA VAL A 78 16.71 6.12 2.18
C VAL A 78 16.28 5.57 0.81
N ALA A 79 15.01 5.78 0.45
CA ALA A 79 14.46 5.35 -0.82
C ALA A 79 14.06 6.64 -1.51
N VAL A 80 14.49 6.83 -2.75
CA VAL A 80 14.22 8.06 -3.47
C VAL A 80 13.32 7.89 -4.68
N LYS A 81 12.13 8.50 -4.63
CA LYS A 81 11.22 8.41 -5.78
C LYS A 81 11.58 9.50 -6.77
N MET A 82 11.51 9.18 -8.06
CA MET A 82 11.81 10.17 -9.08
C MET A 82 11.15 9.80 -10.41
N LEU A 83 11.03 10.78 -11.29
CA LEU A 83 10.39 10.54 -12.57
C LEU A 83 11.39 10.31 -13.69
N LYS A 84 10.85 9.77 -14.78
CA LYS A 84 11.59 9.51 -16.01
C LYS A 84 12.15 10.88 -16.42
N GLU A 85 13.34 10.91 -16.99
CA GLU A 85 13.93 12.15 -17.44
C GLU A 85 13.04 12.78 -18.51
N ARG A 92 5.15 15.62 -13.06
CA ARG A 92 5.89 16.41 -12.06
C ARG A 92 4.96 16.98 -11.00
N GLU A 93 3.85 17.58 -11.43
CA GLU A 93 2.88 18.14 -10.49
C GLU A 93 2.28 16.99 -9.68
N ALA A 94 2.10 15.85 -10.34
CA ALA A 94 1.56 14.68 -9.68
C ALA A 94 2.51 14.24 -8.55
N LEU A 95 3.82 14.31 -8.81
CA LEU A 95 4.79 13.92 -7.79
C LEU A 95 4.79 15.00 -6.69
N MET A 96 4.63 16.25 -7.08
CA MET A 96 4.57 17.33 -6.09
C MET A 96 3.35 17.14 -5.18
N SER A 97 2.23 16.71 -5.75
CA SER A 97 1.00 16.50 -4.97
C SER A 97 1.16 15.36 -3.99
N GLU A 98 1.86 14.32 -4.43
CA GLU A 98 2.09 13.21 -3.55
C GLU A 98 2.96 13.73 -2.39
N LEU A 99 3.99 14.49 -2.73
CA LEU A 99 4.88 15.08 -1.72
C LEU A 99 4.06 15.89 -0.70
N LYS A 100 3.26 16.85 -1.20
CA LYS A 100 2.46 17.69 -0.31
C LYS A 100 1.58 16.83 0.56
N MET A 101 0.99 15.81 -0.04
CA MET A 101 0.11 14.93 0.71
C MET A 101 0.87 14.24 1.86
N MET A 102 2.06 13.71 1.57
CA MET A 102 2.81 13.02 2.62
C MET A 102 3.34 13.97 3.71
N THR A 103 3.58 15.23 3.38
CA THR A 103 4.04 16.18 4.40
C THR A 103 2.90 16.49 5.40
N GLN A 104 1.66 16.23 4.99
CA GLN A 104 0.49 16.51 5.83
C GLN A 104 0.04 15.31 6.64
N LEU A 105 0.47 14.12 6.23
CA LEU A 105 0.05 12.89 6.90
C LEU A 105 0.53 12.69 8.33
N GLY A 106 1.78 13.04 8.59
CA GLY A 106 2.32 12.80 9.91
C GLY A 106 2.92 11.40 9.79
N SER A 107 3.80 11.01 10.71
CA SER A 107 4.43 9.71 10.63
C SER A 107 3.78 8.60 11.47
N HIS A 108 4.06 7.36 11.09
CA HIS A 108 3.56 6.19 11.80
C HIS A 108 4.55 5.04 11.59
N GLU A 109 4.66 4.16 12.58
CA GLU A 109 5.60 3.04 12.46
C GLU A 109 5.31 2.10 11.29
N ASN A 110 4.05 1.92 10.95
CA ASN A 110 3.64 1.00 9.89
C ASN A 110 3.32 1.63 8.54
N ILE A 111 3.92 2.80 8.31
CA ILE A 111 3.76 3.52 7.06
C ILE A 111 5.17 3.86 6.60
N VAL A 112 5.41 3.86 5.30
CA VAL A 112 6.71 4.26 4.78
C VAL A 112 6.62 5.79 4.81
N ASN A 113 7.33 6.39 5.76
CA ASN A 113 7.29 7.84 5.97
C ASN A 113 8.19 8.70 5.10
N LEU A 114 7.70 9.89 4.77
CA LEU A 114 8.48 10.84 3.98
C LEU A 114 9.55 11.42 4.92
N LEU A 115 10.76 11.67 4.42
CA LEU A 115 11.83 12.23 5.24
C LEU A 115 12.29 13.59 4.70
N GLY A 116 12.15 13.79 3.40
CA GLY A 116 12.54 15.05 2.80
C GLY A 116 12.28 15.06 1.31
N ALA A 117 12.66 16.16 0.65
CA ALA A 117 12.47 16.31 -0.80
C ALA A 117 13.44 17.32 -1.38
N CYS A 118 13.72 17.16 -2.66
CA CYS A 118 14.59 18.05 -3.43
C CYS A 118 13.70 18.47 -4.59
N THR A 119 13.33 19.74 -4.61
CA THR A 119 12.41 20.24 -5.62
C THR A 119 12.78 21.55 -6.30
N LEU A 120 13.93 22.12 -5.96
CA LEU A 120 14.28 23.43 -6.49
C LEU A 120 15.37 23.59 -7.53
N SER A 121 16.51 22.95 -7.34
CA SER A 121 17.62 23.11 -8.28
C SER A 121 17.87 21.91 -9.17
N GLY A 122 16.83 21.10 -9.40
CA GLY A 122 17.00 19.94 -10.24
C GLY A 122 15.75 19.08 -10.25
N PRO A 123 15.80 17.89 -10.85
CA PRO A 123 14.60 17.06 -10.88
C PRO A 123 14.06 16.79 -9.47
N ILE A 124 12.76 16.57 -9.40
CA ILE A 124 12.09 16.32 -8.14
C ILE A 124 12.39 14.95 -7.52
N TYR A 125 12.82 14.95 -6.26
CA TYR A 125 13.08 13.70 -5.56
C TYR A 125 12.30 13.66 -4.26
N LEU A 126 11.59 12.57 -4.02
CA LEU A 126 10.89 12.46 -2.74
C LEU A 126 11.72 11.43 -1.98
N ILE A 127 12.14 11.79 -0.77
CA ILE A 127 12.98 10.92 0.05
C ILE A 127 12.19 10.24 1.15
N PHE A 128 12.17 8.92 1.11
CA PHE A 128 11.45 8.13 2.08
C PHE A 128 12.35 7.24 2.91
N GLU A 129 11.76 6.70 3.98
CA GLU A 129 12.43 5.73 4.84
C GLU A 129 12.76 4.56 3.91
N TYR A 130 13.88 3.89 4.17
CA TYR A 130 14.32 2.75 3.36
C TYR A 130 13.92 1.45 4.05
N CYS A 131 13.48 0.48 3.27
CA CYS A 131 13.08 -0.82 3.83
C CYS A 131 14.01 -1.86 3.19
N CYS A 132 15.01 -2.30 3.96
CA CYS A 132 16.02 -3.23 3.46
C CYS A 132 15.58 -4.57 2.83
N TYR A 133 14.47 -5.15 3.28
CA TYR A 133 14.04 -6.44 2.72
C TYR A 133 12.96 -6.48 1.62
N GLY A 134 12.81 -5.37 0.87
CA GLY A 134 11.84 -5.30 -0.21
C GLY A 134 10.37 -5.46 0.15
N ASP A 135 9.55 -5.63 -0.90
CA ASP A 135 8.10 -5.76 -0.74
C ASP A 135 7.69 -7.07 -0.07
N LEU A 136 6.67 -7.00 0.77
CA LEU A 136 6.18 -8.18 1.49
C LEU A 136 5.80 -9.40 0.59
N LEU A 137 5.37 -9.19 -0.66
CA LEU A 137 4.99 -10.33 -1.51
C LEU A 137 6.23 -11.18 -1.83
N ASN A 138 7.27 -10.54 -2.33
CA ASN A 138 8.51 -11.25 -2.62
C ASN A 138 9.15 -11.83 -1.37
N TYR A 139 9.01 -11.13 -0.26
CA TYR A 139 9.58 -11.59 1.00
C TYR A 139 8.93 -12.92 1.37
N LEU A 140 7.60 -12.95 1.27
CA LEU A 140 6.86 -14.15 1.58
C LEU A 140 7.23 -15.30 0.64
N ARG A 141 7.25 -15.03 -0.66
CA ARG A 141 7.57 -16.07 -1.63
C ARG A 141 8.99 -16.58 -1.45
N SER A 142 9.93 -15.69 -1.13
CA SER A 142 11.33 -16.06 -0.92
C SER A 142 11.48 -16.95 0.32
N LYS A 143 10.44 -17.05 1.14
CA LYS A 143 10.52 -17.87 2.33
C LYS A 143 9.62 -19.10 2.38
N ARG A 144 9.10 -19.51 1.21
CA ARG A 144 8.23 -20.69 1.16
C ARG A 144 8.98 -21.95 1.58
N GLU A 145 10.27 -22.00 1.28
CA GLU A 145 11.08 -23.15 1.60
C GLU A 145 11.77 -23.00 2.95
N LYS A 146 11.43 -21.95 3.68
CA LYS A 146 12.04 -21.69 4.97
C LYS A 146 11.05 -21.24 6.04
N PHE A 147 9.95 -21.97 6.13
CA PHE A 147 8.91 -21.70 7.11
C PHE A 147 8.93 -22.88 8.07
N LEU A 169 10.95 -17.88 8.94
CA LEU A 169 9.64 -17.26 9.09
C LEU A 169 8.67 -18.20 9.82
N THR A 170 7.94 -17.67 10.80
CA THR A 170 6.99 -18.46 11.58
C THR A 170 5.55 -17.94 11.43
N PHE A 171 4.62 -18.70 12.01
CA PHE A 171 3.21 -18.35 11.99
C PHE A 171 3.00 -17.06 12.80
N GLU A 172 3.76 -16.94 13.88
CA GLU A 172 3.67 -15.76 14.73
C GLU A 172 4.09 -14.53 13.92
N ASP A 173 5.11 -14.67 13.08
CA ASP A 173 5.53 -13.56 12.21
C ASP A 173 4.37 -13.19 11.28
N LEU A 174 3.71 -14.21 10.73
CA LEU A 174 2.59 -13.98 9.82
C LEU A 174 1.51 -13.14 10.49
N LEU A 175 1.11 -13.55 11.69
CA LEU A 175 0.10 -12.85 12.47
C LEU A 175 0.56 -11.42 12.76
N CYS A 176 1.86 -11.26 13.03
CA CYS A 176 2.43 -9.95 13.31
C CYS A 176 2.39 -9.02 12.08
N PHE A 177 2.67 -9.58 10.91
CA PHE A 177 2.60 -8.78 9.67
C PHE A 177 1.16 -8.29 9.52
N ALA A 178 0.22 -9.20 9.73
CA ALA A 178 -1.19 -8.91 9.59
C ALA A 178 -1.65 -7.81 10.54
N TYR A 179 -1.23 -7.92 11.80
CA TYR A 179 -1.58 -6.96 12.83
C TYR A 179 -0.98 -5.59 12.48
N GLN A 180 0.27 -5.58 12.03
CA GLN A 180 0.92 -4.33 11.67
C GLN A 180 0.24 -3.60 10.49
N VAL A 181 -0.20 -4.35 9.49
CA VAL A 181 -0.85 -3.72 8.34
C VAL A 181 -2.18 -3.15 8.80
N ALA A 182 -2.87 -3.85 9.71
CA ALA A 182 -4.16 -3.34 10.20
C ALA A 182 -3.93 -2.02 10.96
N LYS A 183 -2.85 -1.96 11.72
CA LYS A 183 -2.51 -0.76 12.48
C LYS A 183 -2.17 0.40 11.51
N GLY A 184 -1.40 0.10 10.47
CA GLY A 184 -1.09 1.14 9.50
C GLY A 184 -2.38 1.64 8.84
N MET A 185 -3.29 0.73 8.50
CA MET A 185 -4.55 1.15 7.87
C MET A 185 -5.44 1.93 8.85
N GLU A 186 -5.32 1.61 10.13
CA GLU A 186 -6.09 2.30 11.16
C GLU A 186 -5.60 3.75 11.20
N PHE A 187 -4.29 3.92 11.07
CA PHE A 187 -3.70 5.28 11.04
C PHE A 187 -4.25 6.03 9.82
N LEU A 188 -4.23 5.38 8.66
CA LEU A 188 -4.73 6.01 7.44
C LEU A 188 -6.21 6.40 7.56
N GLU A 189 -7.02 5.52 8.14
CA GLU A 189 -8.43 5.84 8.33
C GLU A 189 -8.57 7.09 9.21
N PHE A 190 -7.77 7.15 10.27
CA PHE A 190 -7.79 8.27 11.19
C PHE A 190 -7.41 9.58 10.48
N LYS A 191 -6.43 9.50 9.59
CA LYS A 191 -6.00 10.68 8.83
C LYS A 191 -6.84 10.93 7.58
N SER A 192 -8.01 10.29 7.50
CA SER A 192 -8.94 10.46 6.38
C SER A 192 -8.36 10.15 4.99
N CYS A 193 -7.60 9.06 4.91
CA CYS A 193 -7.00 8.61 3.66
C CYS A 193 -7.48 7.23 3.30
N VAL A 194 -7.34 6.87 2.02
CA VAL A 194 -7.70 5.54 1.58
C VAL A 194 -6.53 5.10 0.70
N HIS A 195 -6.39 3.79 0.53
CA HIS A 195 -5.38 3.24 -0.37
C HIS A 195 -6.16 2.54 -1.48
N ARG A 196 -6.01 3.01 -2.72
CA ARG A 196 -6.73 2.41 -3.83
C ARG A 196 -6.03 1.19 -4.42
N ASP A 197 -4.89 0.82 -3.85
CA ASP A 197 -4.14 -0.33 -4.33
C ASP A 197 -3.48 -1.05 -3.16
N LEU A 198 -4.26 -1.35 -2.14
CA LEU A 198 -3.74 -2.04 -0.97
C LEU A 198 -3.51 -3.50 -1.39
N ALA A 199 -2.28 -4.00 -1.22
CA ALA A 199 -1.90 -5.39 -1.56
C ALA A 199 -0.51 -5.65 -0.99
N ALA A 200 -0.14 -6.92 -0.87
CA ALA A 200 1.16 -7.28 -0.31
C ALA A 200 2.33 -6.67 -1.07
N ARG A 201 2.14 -6.40 -2.36
CA ARG A 201 3.23 -5.80 -3.15
C ARG A 201 3.47 -4.32 -2.75
N ASN A 202 2.51 -3.71 -2.04
CA ASN A 202 2.64 -2.32 -1.60
C ASN A 202 2.88 -2.20 -0.08
N VAL A 203 3.41 -3.27 0.52
CA VAL A 203 3.75 -3.29 1.93
C VAL A 203 5.24 -3.65 1.91
N LEU A 204 6.07 -2.88 2.60
CA LEU A 204 7.52 -3.16 2.62
C LEU A 204 8.02 -3.64 4.00
N VAL A 205 9.08 -4.46 3.97
CA VAL A 205 9.64 -5.05 5.18
C VAL A 205 11.00 -4.46 5.58
N THR A 206 11.15 -4.10 6.85
CA THR A 206 12.41 -3.56 7.36
C THR A 206 12.96 -4.44 8.47
N HIS A 207 14.04 -3.98 9.11
CA HIS A 207 14.76 -4.75 10.14
C HIS A 207 14.13 -5.70 11.15
N GLY A 208 13.31 -5.23 12.08
CA GLY A 208 12.79 -6.19 13.04
C GLY A 208 11.50 -6.89 12.65
N LYS A 209 11.41 -7.30 11.39
CA LYS A 209 10.18 -7.95 10.93
C LYS A 209 9.06 -6.89 10.92
N VAL A 210 9.43 -5.62 10.84
CA VAL A 210 8.44 -4.54 10.83
C VAL A 210 8.05 -4.23 9.38
N VAL A 211 6.76 -4.11 9.13
CA VAL A 211 6.30 -3.80 7.77
C VAL A 211 5.66 -2.42 7.73
N LYS A 212 5.73 -1.79 6.57
CA LYS A 212 5.22 -0.44 6.36
C LYS A 212 4.43 -0.35 5.04
N ILE A 213 3.25 0.24 5.12
CA ILE A 213 2.41 0.42 3.96
C ILE A 213 2.89 1.61 3.13
N CYS A 214 2.88 1.48 1.81
CA CYS A 214 3.25 2.58 0.92
C CYS A 214 2.59 2.38 -0.43
N ASP A 215 3.00 3.19 -1.39
CA ASP A 215 2.57 3.03 -2.77
C ASP A 215 3.91 2.96 -3.49
N PHE A 216 4.24 1.76 -3.95
CA PHE A 216 5.50 1.51 -4.64
C PHE A 216 5.26 1.38 -6.13
N GLY A 217 4.13 1.92 -6.59
CA GLY A 217 3.81 1.87 -8.00
C GLY A 217 4.90 2.42 -8.90
N LEU A 218 5.58 3.48 -8.46
CA LEU A 218 6.62 4.08 -9.30
C LEU A 218 7.78 3.09 -9.53
N ALA A 219 7.96 2.18 -8.58
CA ALA A 219 9.04 1.21 -8.68
C ALA A 219 8.67 -0.07 -9.43
N ARG A 220 7.65 -0.02 -10.26
CA ARG A 220 7.30 -1.20 -11.03
C ARG A 220 6.59 -0.90 -12.33
N ASP A 221 6.83 -1.76 -13.31
CA ASP A 221 6.22 -1.62 -14.62
C ASP A 221 4.86 -2.30 -14.58
N ILE A 222 3.80 -1.51 -14.50
CA ILE A 222 2.46 -2.06 -14.44
C ILE A 222 2.15 -2.92 -15.67
N MET A 223 2.72 -2.56 -16.81
CA MET A 223 2.51 -3.30 -18.06
C MET A 223 3.02 -4.74 -17.95
N SER A 224 4.12 -4.93 -17.23
CA SER A 224 4.66 -6.26 -17.06
C SER A 224 4.06 -6.97 -15.85
N ASP A 225 3.06 -6.36 -15.20
CA ASP A 225 2.45 -6.99 -14.03
C ASP A 225 1.01 -7.40 -14.36
N SER A 226 0.78 -8.70 -14.51
CA SER A 226 -0.56 -9.21 -14.85
C SER A 226 -1.64 -9.06 -13.78
N ASN A 227 -1.28 -8.50 -12.62
CA ASN A 227 -2.27 -8.32 -11.56
C ASN A 227 -3.08 -7.04 -11.84
N TYR A 228 -2.63 -6.28 -12.82
CA TYR A 228 -3.33 -5.08 -13.21
C TYR A 228 -3.98 -5.27 -14.58
N VAL A 229 -5.29 -5.08 -14.65
CA VAL A 229 -5.99 -5.25 -15.91
C VAL A 229 -6.17 -3.92 -16.60
N VAL A 230 -5.81 -3.84 -17.88
CA VAL A 230 -5.92 -2.62 -18.69
C VAL A 230 -7.36 -2.27 -19.05
N ARG A 231 -7.76 -1.02 -18.84
CA ARG A 231 -9.12 -0.56 -19.14
C ARG A 231 -9.04 0.94 -19.47
N GLY A 232 -8.91 1.26 -20.75
CA GLY A 232 -8.80 2.66 -21.11
C GLY A 232 -7.60 3.27 -20.40
N ASN A 233 -7.82 4.34 -19.64
CA ASN A 233 -6.71 4.99 -18.94
C ASN A 233 -6.47 4.41 -17.56
N ALA A 234 -7.13 3.31 -17.25
CA ALA A 234 -6.96 2.70 -15.94
C ALA A 234 -6.21 1.36 -15.99
N ARG A 235 -5.52 1.07 -14.89
CA ARG A 235 -4.76 -0.17 -14.73
C ARG A 235 -5.24 -0.64 -13.37
N LEU A 236 -6.22 -1.54 -13.40
CA LEU A 236 -6.87 -2.02 -12.19
C LEU A 236 -6.45 -3.35 -11.58
N PRO A 237 -6.19 -3.35 -10.27
CA PRO A 237 -5.78 -4.54 -9.50
C PRO A 237 -7.09 -5.28 -9.18
N VAL A 238 -7.77 -5.73 -10.22
CA VAL A 238 -9.06 -6.39 -10.09
C VAL A 238 -9.26 -7.43 -9.00
N LYS A 239 -8.30 -8.35 -8.83
CA LYS A 239 -8.46 -9.37 -7.80
C LYS A 239 -8.39 -8.85 -6.35
N TRP A 240 -7.96 -7.60 -6.17
CA TRP A 240 -7.90 -7.00 -4.84
C TRP A 240 -9.07 -6.05 -4.57
N MET A 241 -9.83 -5.74 -5.61
CA MET A 241 -10.94 -4.78 -5.52
C MET A 241 -12.29 -5.17 -4.92
N ALA A 242 -12.80 -4.31 -4.05
CA ALA A 242 -14.10 -4.52 -3.44
C ALA A 242 -15.10 -4.41 -4.58
N PRO A 243 -16.27 -5.05 -4.43
CA PRO A 243 -17.30 -5.01 -5.47
C PRO A 243 -17.70 -3.57 -5.82
N GLU A 244 -17.88 -2.71 -4.80
CA GLU A 244 -18.26 -1.32 -5.09
C GLU A 244 -17.18 -0.57 -5.90
N SER A 245 -15.92 -1.00 -5.78
CA SER A 245 -14.85 -0.37 -6.56
C SER A 245 -14.91 -0.95 -8.00
N LEU A 246 -15.14 -2.26 -8.10
CA LEU A 246 -15.22 -2.91 -9.40
C LEU A 246 -16.39 -2.40 -10.25
N PHE A 247 -17.56 -2.35 -9.63
CA PHE A 247 -18.78 -1.95 -10.33
C PHE A 247 -19.22 -0.50 -10.26
N GLU A 248 -18.67 0.29 -9.35
CA GLU A 248 -19.08 1.69 -9.23
C GLU A 248 -17.92 2.69 -9.17
N GLY A 249 -16.67 2.21 -9.21
CA GLY A 249 -15.55 3.13 -9.15
C GLY A 249 -15.47 3.83 -7.79
N ILE A 250 -16.08 3.23 -6.77
CA ILE A 250 -16.11 3.75 -5.39
C ILE A 250 -14.93 3.18 -4.57
N TYR A 251 -14.24 4.05 -3.83
CA TYR A 251 -13.12 3.62 -2.96
C TYR A 251 -13.18 4.29 -1.59
N THR A 252 -13.56 3.52 -0.58
CA THR A 252 -13.65 4.04 0.77
C THR A 252 -12.73 3.24 1.68
N ILE A 253 -12.68 3.60 2.96
CA ILE A 253 -11.86 2.86 3.88
C ILE A 253 -12.43 1.43 3.99
N LYS A 254 -13.76 1.30 3.80
CA LYS A 254 -14.39 -0.03 3.86
C LYS A 254 -13.96 -0.89 2.65
N SER A 255 -13.72 -0.25 1.52
CA SER A 255 -13.26 -1.00 0.34
C SER A 255 -11.87 -1.54 0.73
N ASP A 256 -11.12 -0.75 1.49
CA ASP A 256 -9.80 -1.17 1.93
C ASP A 256 -9.87 -2.36 2.89
N VAL A 257 -10.96 -2.48 3.62
CA VAL A 257 -11.11 -3.63 4.50
C VAL A 257 -11.20 -4.88 3.62
N TRP A 258 -11.90 -4.75 2.49
CA TRP A 258 -12.02 -5.88 1.57
C TRP A 258 -10.62 -6.23 1.02
N SER A 259 -9.93 -5.23 0.49
CA SER A 259 -8.59 -5.47 -0.04
C SER A 259 -7.69 -6.05 1.07
N TYR A 260 -7.85 -5.54 2.28
CA TYR A 260 -7.05 -6.04 3.40
C TYR A 260 -7.30 -7.56 3.58
N GLY A 261 -8.54 -7.99 3.39
CA GLY A 261 -8.84 -9.41 3.52
C GLY A 261 -8.08 -10.19 2.45
N ILE A 262 -7.98 -9.63 1.24
CA ILE A 262 -7.24 -10.31 0.18
C ILE A 262 -5.76 -10.35 0.59
N LEU A 263 -5.25 -9.25 1.16
CA LEU A 263 -3.86 -9.20 1.59
C LEU A 263 -3.60 -10.25 2.70
N LEU A 264 -4.61 -10.47 3.55
CA LEU A 264 -4.50 -11.46 4.62
C LEU A 264 -4.32 -12.85 3.96
N TRP A 265 -5.10 -13.10 2.93
CA TRP A 265 -5.00 -14.37 2.21
C TRP A 265 -3.58 -14.47 1.59
N GLU A 266 -3.08 -13.36 1.05
CA GLU A 266 -1.71 -13.39 0.52
C GLU A 266 -0.71 -13.79 1.63
N ILE A 267 -0.85 -13.19 2.81
CA ILE A 267 0.05 -13.51 3.92
C ILE A 267 -0.04 -15.00 4.33
N PHE A 268 -1.25 -15.49 4.57
CA PHE A 268 -1.40 -16.85 5.02
C PHE A 268 -1.34 -17.97 3.97
N SER A 269 -0.89 -17.62 2.77
CA SER A 269 -0.71 -18.59 1.68
C SER A 269 0.74 -18.42 1.26
N LEU A 270 1.44 -17.53 1.95
CA LEU A 270 2.83 -17.19 1.62
C LEU A 270 2.98 -16.63 0.21
N GLY A 271 2.08 -15.74 -0.17
CA GLY A 271 2.25 -15.08 -1.44
C GLY A 271 1.66 -15.65 -2.72
N VAL A 272 0.59 -16.43 -2.59
CA VAL A 272 -0.03 -16.98 -3.78
C VAL A 272 -0.95 -15.92 -4.38
N ASN A 273 -1.02 -15.90 -5.70
CA ASN A 273 -1.93 -14.98 -6.39
C ASN A 273 -3.36 -15.29 -5.91
N PRO A 274 -4.17 -14.27 -5.60
CA PRO A 274 -5.56 -14.46 -5.13
C PRO A 274 -6.36 -15.21 -6.22
N TYR A 275 -7.39 -15.96 -5.82
CA TYR A 275 -8.22 -16.73 -6.77
C TYR A 275 -7.29 -17.44 -7.76
N PRO A 276 -6.34 -18.24 -7.24
CA PRO A 276 -5.36 -18.97 -8.06
C PRO A 276 -6.00 -19.83 -9.13
N GLY A 277 -5.53 -19.63 -10.37
CA GLY A 277 -6.05 -20.41 -11.48
C GLY A 277 -7.27 -19.80 -12.14
N ILE A 278 -7.88 -18.80 -11.51
CA ILE A 278 -9.07 -18.17 -12.08
C ILE A 278 -8.65 -16.94 -12.86
N PRO A 279 -8.96 -16.89 -14.16
CA PRO A 279 -8.58 -15.73 -14.99
C PRO A 279 -9.48 -14.53 -14.77
N VAL A 280 -8.98 -13.36 -15.15
CA VAL A 280 -9.80 -12.16 -15.06
C VAL A 280 -10.51 -11.98 -16.41
N ASP A 281 -11.83 -12.15 -16.39
CA ASP A 281 -12.68 -12.02 -17.57
C ASP A 281 -14.10 -11.73 -17.07
N ALA A 282 -15.09 -11.70 -17.95
CA ALA A 282 -16.48 -11.41 -17.52
C ALA A 282 -16.95 -12.37 -16.42
N ASN A 283 -16.53 -13.64 -16.48
CA ASN A 283 -16.92 -14.60 -15.43
C ASN A 283 -16.32 -14.25 -14.06
N PHE A 284 -15.17 -13.59 -14.03
CA PHE A 284 -14.58 -13.24 -12.74
C PHE A 284 -15.48 -12.20 -12.05
N TYR A 285 -15.93 -11.21 -12.83
CA TYR A 285 -16.80 -10.18 -12.28
C TYR A 285 -18.10 -10.79 -11.77
N LYS A 286 -18.65 -11.73 -12.53
CA LYS A 286 -19.90 -12.39 -12.11
C LYS A 286 -19.69 -13.18 -10.81
N LEU A 287 -18.54 -13.85 -10.69
CA LEU A 287 -18.21 -14.61 -9.48
C LEU A 287 -18.29 -13.70 -8.25
N ILE A 288 -17.56 -12.57 -8.31
CA ILE A 288 -17.54 -11.62 -7.22
C ILE A 288 -18.98 -11.15 -6.92
N GLN A 289 -19.68 -10.70 -7.96
CA GLN A 289 -21.06 -10.24 -7.79
C GLN A 289 -21.93 -11.29 -7.08
N ASN A 290 -21.69 -12.56 -7.36
CA ASN A 290 -22.48 -13.63 -6.75
C ASN A 290 -22.05 -14.00 -5.34
N GLY A 291 -20.96 -13.44 -4.83
CA GLY A 291 -20.57 -13.76 -3.46
C GLY A 291 -19.48 -14.79 -3.30
N PHE A 292 -18.86 -15.18 -4.41
CA PHE A 292 -17.76 -16.15 -4.38
C PHE A 292 -16.62 -15.62 -3.49
N LYS A 293 -16.08 -16.49 -2.63
CA LYS A 293 -14.97 -16.15 -1.73
C LYS A 293 -13.91 -17.26 -1.76
N MET A 294 -12.67 -16.88 -1.50
CA MET A 294 -11.59 -17.85 -1.49
C MET A 294 -11.70 -18.77 -0.29
N ASP A 295 -11.10 -19.95 -0.44
CA ASP A 295 -11.03 -20.95 0.62
C ASP A 295 -9.94 -20.54 1.62
N GLN A 296 -9.98 -21.17 2.79
CA GLN A 296 -8.99 -20.90 3.84
C GLN A 296 -7.60 -21.31 3.35
N PRO A 297 -6.63 -20.37 3.33
CA PRO A 297 -5.30 -20.74 2.87
C PRO A 297 -4.62 -21.64 3.92
N PHE A 298 -3.60 -22.38 3.50
CA PHE A 298 -2.91 -23.33 4.37
C PHE A 298 -2.45 -22.82 5.74
N TYR A 299 -1.72 -21.71 5.78
CA TYR A 299 -1.21 -21.22 7.06
C TYR A 299 -2.21 -20.47 7.95
N ALA A 300 -3.43 -20.27 7.49
CA ALA A 300 -4.39 -19.58 8.33
C ALA A 300 -5.06 -20.57 9.29
N THR A 301 -5.51 -20.06 10.42
CA THR A 301 -6.20 -20.88 11.41
C THR A 301 -7.64 -20.57 11.04
N GLU A 302 -8.60 -21.29 11.62
CA GLU A 302 -10.00 -21.03 11.30
C GLU A 302 -10.46 -19.65 11.78
N GLU A 303 -9.89 -19.17 12.90
CA GLU A 303 -10.28 -17.86 13.44
C GLU A 303 -9.85 -16.75 12.47
N ILE A 304 -8.63 -16.87 11.96
CA ILE A 304 -8.12 -15.89 10.99
C ILE A 304 -9.01 -15.94 9.72
N TYR A 305 -9.37 -17.13 9.28
CA TYR A 305 -10.20 -17.26 8.08
C TYR A 305 -11.57 -16.65 8.28
N ILE A 306 -12.09 -16.71 9.50
CA ILE A 306 -13.40 -16.12 9.79
C ILE A 306 -13.28 -14.60 9.64
N ILE A 307 -12.13 -14.06 10.01
CA ILE A 307 -11.87 -12.64 9.90
C ILE A 307 -11.79 -12.28 8.40
N MET A 308 -11.07 -13.09 7.64
CA MET A 308 -10.95 -12.87 6.20
C MET A 308 -12.31 -12.80 5.55
N GLN A 309 -13.16 -13.79 5.83
CA GLN A 309 -14.50 -13.88 5.28
C GLN A 309 -15.36 -12.65 5.58
N SER A 310 -15.25 -12.11 6.78
CA SER A 310 -16.04 -10.94 7.14
C SER A 310 -15.53 -9.73 6.35
N CYS A 311 -14.24 -9.72 6.02
CA CYS A 311 -13.70 -8.61 5.25
C CYS A 311 -14.32 -8.63 3.85
N TRP A 312 -14.80 -9.80 3.43
CA TRP A 312 -15.36 -9.96 2.10
C TRP A 312 -16.89 -9.92 2.07
N ALA A 313 -17.49 -9.24 3.04
CA ALA A 313 -18.94 -9.13 3.06
C ALA A 313 -19.24 -8.25 1.86
N PHE A 314 -20.23 -8.66 1.06
CA PHE A 314 -20.55 -7.89 -0.14
C PHE A 314 -20.96 -6.46 0.24
N ASP A 315 -21.80 -6.38 1.26
CA ASP A 315 -22.32 -5.13 1.80
C ASP A 315 -21.20 -4.51 2.63
N SER A 316 -20.69 -3.35 2.22
CA SER A 316 -19.58 -2.73 2.94
C SER A 316 -19.84 -2.47 4.43
N ARG A 317 -21.10 -2.19 4.78
CA ARG A 317 -21.48 -1.93 6.18
C ARG A 317 -21.21 -3.14 7.08
N LYS A 318 -21.31 -4.33 6.50
CA LYS A 318 -21.11 -5.56 7.29
C LYS A 318 -19.67 -5.93 7.55
N ARG A 319 -18.73 -5.29 6.87
CA ARG A 319 -17.31 -5.59 7.07
C ARG A 319 -16.84 -4.97 8.36
N PRO A 320 -15.81 -5.57 8.98
CA PRO A 320 -15.34 -4.97 10.23
C PRO A 320 -14.54 -3.69 9.94
N SER A 321 -14.24 -2.97 11.00
CA SER A 321 -13.48 -1.74 10.88
C SER A 321 -12.02 -2.07 11.16
N PHE A 322 -11.12 -1.18 10.77
CA PHE A 322 -9.73 -1.43 11.03
C PHE A 322 -9.45 -1.44 12.54
N PRO A 323 -10.01 -0.48 13.29
CA PRO A 323 -9.72 -0.58 14.73
C PRO A 323 -10.25 -1.93 15.24
N ASN A 324 -11.36 -2.41 14.66
CA ASN A 324 -11.90 -3.72 15.03
C ASN A 324 -10.83 -4.77 14.72
N LEU A 325 -10.37 -4.78 13.48
CA LEU A 325 -9.37 -5.75 13.04
C LEU A 325 -8.10 -5.71 13.87
N THR A 326 -7.67 -4.50 14.25
CA THR A 326 -6.45 -4.39 15.03
C THR A 326 -6.58 -5.10 16.40
N SER A 327 -7.79 -5.11 16.96
CA SER A 327 -8.03 -5.78 18.23
C SER A 327 -8.06 -7.29 18.05
N PHE A 328 -8.90 -7.76 17.14
CA PHE A 328 -9.01 -9.18 16.85
C PHE A 328 -7.58 -9.74 16.66
N LEU A 329 -6.82 -9.12 15.77
CA LEU A 329 -5.47 -9.58 15.50
C LEU A 329 -4.52 -9.42 16.68
N GLY A 330 -4.60 -8.27 17.35
CA GLY A 330 -3.74 -8.04 18.49
C GLY A 330 -3.98 -9.19 19.46
N CYS A 331 -5.24 -9.57 19.60
CA CYS A 331 -5.61 -10.67 20.48
C CYS A 331 -5.06 -12.00 19.95
N GLN A 332 -5.38 -12.34 18.71
CA GLN A 332 -4.89 -13.58 18.11
C GLN A 332 -3.38 -13.67 18.38
N LEU A 333 -2.71 -12.53 18.38
CA LEU A 333 -1.27 -12.48 18.63
C LEU A 333 -1.01 -12.82 20.09
#